data_9IVZ
#
_entry.id   9IVZ
#
_cell.length_a   75.480
_cell.length_b   75.480
_cell.length_c   400.802
_cell.angle_alpha   90.000
_cell.angle_beta   90.000
_cell.angle_gamma   120.000
#
_symmetry.space_group_name_H-M   'P 65 2 2'
#
loop_
_entity.id
_entity.type
_entity.pdbx_description
1 polymer 'Maltodextrin glucosidase'
2 branched (2~{S},3~{R},4~{S},5~{R},6~{R})-5-[[(1~{S},4~{R},5~{S},6~{S})-3-(hydroxymethyl)-4,5,6-tris(oxidanyl)cyclohex-2-en-1-yl]amino]-6-methyl-oxane-2,3,4-triol-(1-4)-alpha-D-glucopyranose-(1-4)-beta-D-galactopyranose
3 water water
#
_entity_poly.entity_id   1
_entity_poly.type   'polypeptide(L)'
_entity_poly.pdbx_seq_one_letter_code
;MLKAWHLPVAPFIKEQQERLMITLWLSGDDLPPRVTLRAEEDNEELSLPMHRLRQAPHPGVVAWRGEINLVNGQPRRRYS
FKLLWADRQLWFTPQEFNRFPPARLEQFAVDLPDSGPQWVADQVFYQIFPDRFARSQSREAEQDATYYHHAAGHDIVRKA
WDEPLTAEAGGSTFYGGDLDGISEKLPYLKQLGVTALYLNPVFVAPSVHKYDTEDYRRVDPQFGGDAALLRLRHNTQKEG
MRLILDGVFNHSGDSHAWFDRHQRGSGGACHNADSPWRDWYNFSPEGVAHDWLGYASLPKLDYRSSTLIDEIYGGEDSVV
RHWLKAPWSMDGWRLDVVHMLGEGGGARNNLRHIAGITQAAKLERPDAFVFGEHFGDARQWLQADVEDSAMNYRGFTFPL
WGFLANTDISYDPQKIDAQTCMAWMDNYRAGLSHQQQLRMFNQLDSHATARFKSLLGKDVARLPLAVVWLFSWPGVPCIY
YGDEVGVDGNNDPFCRKPFPWDPALQDGDLLDLYKRMSKLRKAHQALRYGGCQVIYAEDNVVVFVRVYKQQRVLVAINRG
EACEVVIEDSPLLDVNGWQLKEGAGALHDGVLTLPAISASVWFSR
;
_entity_poly.pdbx_strand_id   A
#
loop_
_chem_comp.id
_chem_comp.type
_chem_comp.name
_chem_comp.formula
A1EAX D-saccharide, alpha linking (2~{S},3~{R},4~{S},5~{R},6~{R})-5-[[(1~{S},4~{R},5~{S},6~{S})-3-(hydroxymethyl)-4,5,6-tris(oxidanyl)cyclohex-2-en-1-yl]amino]-6-methyl-oxane-2,3,4-triol 'C13 H23 N O8'
GAL D-saccharide, beta linking beta-D-galactopyranose 'C6 H12 O6'
GLC D-saccharide, alpha linking alpha-D-glucopyranose 'C6 H12 O6'
#
# COMPACT_ATOMS: atom_id res chain seq x y z
N LEU A 2 -0.35 -23.31 -27.38
CA LEU A 2 -0.41 -21.87 -27.63
C LEU A 2 0.12 -21.01 -26.48
N LYS A 3 0.95 -20.01 -26.80
CA LYS A 3 1.50 -19.09 -25.82
C LYS A 3 1.23 -17.65 -26.23
N ALA A 4 1.09 -16.78 -25.22
CA ALA A 4 0.82 -15.37 -25.45
C ALA A 4 1.54 -14.52 -24.40
N TRP A 5 1.91 -13.30 -24.79
CA TRP A 5 2.48 -12.34 -23.86
C TRP A 5 1.88 -10.98 -24.14
N HIS A 6 1.53 -10.26 -23.07
CA HIS A 6 1.20 -8.85 -23.16
C HIS A 6 1.28 -8.26 -21.76
N LEU A 7 1.95 -7.11 -21.66
CA LEU A 7 1.98 -6.32 -20.43
C LEU A 7 1.53 -4.90 -20.75
N PRO A 8 0.79 -4.25 -19.84
CA PRO A 8 0.23 -2.91 -20.14
C PRO A 8 1.26 -1.78 -20.08
N VAL A 9 2.33 -1.93 -20.86
CA VAL A 9 3.51 -1.10 -20.70
C VAL A 9 4.33 -1.25 -21.97
N ALA A 10 5.11 -0.22 -22.29
CA ALA A 10 6.07 -0.36 -23.37
C ALA A 10 7.00 -1.52 -23.05
N PRO A 11 7.37 -2.35 -24.03
CA PRO A 11 7.14 -2.18 -25.48
C PRO A 11 5.74 -2.55 -25.97
N PHE A 12 4.87 -3.03 -25.09
CA PHE A 12 3.60 -3.58 -25.57
C PHE A 12 2.57 -2.52 -25.89
N ILE A 13 2.69 -1.33 -25.34
CA ILE A 13 1.77 -0.24 -25.65
C ILE A 13 2.58 1.01 -25.90
N LYS A 14 2.01 1.92 -26.69
CA LYS A 14 2.72 3.14 -27.03
C LYS A 14 1.71 4.21 -27.41
N GLU A 15 1.79 5.37 -26.76
CA GLU A 15 0.93 6.50 -27.07
C GLU A 15 1.54 7.29 -28.23
N GLN A 16 0.72 7.58 -29.24
CA GLN A 16 1.22 8.29 -30.42
C GLN A 16 0.05 9.02 -31.05
N GLN A 17 0.18 10.34 -31.15
CA GLN A 17 -0.91 11.23 -31.56
C GLN A 17 -2.01 11.05 -30.51
N GLU A 18 -3.26 10.86 -30.92
CA GLU A 18 -4.34 10.59 -29.99
C GLU A 18 -4.72 9.11 -29.97
N ARG A 19 -3.72 8.23 -30.13
CA ARG A 19 -3.92 6.79 -30.28
C ARG A 19 -3.08 6.05 -29.27
N LEU A 20 -3.60 4.92 -28.78
CA LEU A 20 -2.87 4.02 -27.91
C LEU A 20 -2.65 2.72 -28.66
N MET A 21 -1.39 2.44 -29.02
CA MET A 21 -1.08 1.25 -29.79
C MET A 21 -0.86 0.06 -28.86
N ILE A 22 -1.52 -1.05 -29.16
CA ILE A 22 -1.54 -2.25 -28.33
C ILE A 22 -0.96 -3.39 -29.14
N THR A 23 0.07 -4.02 -28.61
CA THR A 23 0.72 -5.16 -29.26
C THR A 23 0.55 -6.40 -28.40
N LEU A 24 0.20 -7.51 -29.06
CA LEU A 24 0.12 -8.83 -28.46
C LEU A 24 1.16 -9.72 -29.13
N TRP A 25 1.78 -10.60 -28.34
CA TRP A 25 2.72 -11.60 -28.86
C TRP A 25 2.11 -12.99 -28.73
N LEU A 26 2.10 -13.75 -29.82
CA LEU A 26 1.68 -15.14 -29.82
C LEU A 26 2.81 -16.04 -30.30
N SER A 27 2.71 -17.33 -29.96
CA SER A 27 3.66 -18.32 -30.40
C SER A 27 3.04 -19.70 -30.24
N GLY A 28 3.11 -20.53 -31.27
CA GLY A 28 2.53 -21.85 -31.22
C GLY A 28 2.34 -22.42 -32.61
N ASP A 29 1.80 -23.65 -32.64
CA ASP A 29 1.60 -24.38 -33.88
C ASP A 29 0.28 -24.05 -34.58
N ASP A 30 -0.72 -23.59 -33.84
CA ASP A 30 -2.06 -23.38 -34.38
C ASP A 30 -2.50 -21.95 -34.08
N LEU A 31 -1.77 -20.99 -34.61
CA LEU A 31 -2.05 -19.60 -34.27
C LEU A 31 -3.38 -19.18 -34.90
N PRO A 32 -4.08 -18.26 -34.25
CA PRO A 32 -5.34 -17.77 -34.81
C PRO A 32 -5.09 -16.89 -36.02
N PRO A 33 -5.82 -17.10 -37.10
CA PRO A 33 -5.65 -16.24 -38.29
C PRO A 33 -6.17 -14.83 -38.08
N ARG A 34 -7.00 -14.61 -37.07
CA ARG A 34 -7.52 -13.29 -36.75
C ARG A 34 -7.44 -13.08 -35.25
N VAL A 35 -7.07 -11.88 -34.82
CA VAL A 35 -7.15 -11.50 -33.43
C VAL A 35 -7.88 -10.16 -33.36
N THR A 36 -8.78 -10.04 -32.40
CA THR A 36 -9.53 -8.81 -32.22
C THR A 36 -9.18 -8.23 -30.87
N LEU A 37 -8.82 -6.94 -30.86
CA LEU A 37 -8.64 -6.19 -29.62
C LEU A 37 -10.01 -5.80 -29.10
N ARG A 38 -10.45 -6.41 -28.00
CA ARG A 38 -11.77 -6.14 -27.43
C ARG A 38 -11.63 -5.07 -26.36
N ALA A 39 -11.84 -3.83 -26.75
CA ALA A 39 -11.61 -2.71 -25.86
C ALA A 39 -12.93 -2.08 -25.48
N GLU A 40 -12.87 -1.16 -24.55
CA GLU A 40 -14.05 -0.51 -24.01
C GLU A 40 -13.96 0.98 -24.25
N GLU A 41 -15.05 1.57 -24.70
CA GLU A 41 -15.11 3.02 -24.88
C GLU A 41 -16.45 3.48 -24.31
N ASP A 42 -16.40 4.19 -23.19
CA ASP A 42 -17.59 4.64 -22.48
C ASP A 42 -18.47 3.45 -22.08
N ASN A 43 -17.82 2.38 -21.60
CA ASN A 43 -18.41 1.13 -21.15
C ASN A 43 -18.98 0.28 -22.28
N GLU A 44 -18.96 0.75 -23.53
CA GLU A 44 -19.41 -0.08 -24.64
C GLU A 44 -18.27 -0.97 -25.13
N GLU A 45 -18.58 -2.27 -25.32
CA GLU A 45 -17.55 -3.19 -25.78
C GLU A 45 -17.33 -3.02 -27.29
N LEU A 46 -16.08 -2.87 -27.69
CA LEU A 46 -15.70 -2.58 -29.07
C LEU A 46 -14.85 -3.72 -29.59
N SER A 47 -15.07 -4.09 -30.85
CA SER A 47 -14.22 -5.07 -31.54
C SER A 47 -13.27 -4.31 -32.46
N LEU A 48 -12.06 -4.07 -31.97
CA LEU A 48 -11.05 -3.34 -32.75
C LEU A 48 -10.15 -4.34 -33.48
N PRO A 49 -10.07 -4.28 -34.80
CA PRO A 49 -9.27 -5.28 -35.52
C PRO A 49 -7.79 -5.12 -35.22
N MET A 50 -7.11 -6.25 -35.14
CA MET A 50 -5.66 -6.25 -35.03
C MET A 50 -5.07 -6.81 -36.32
N HIS A 51 -3.88 -6.34 -36.68
CA HIS A 51 -3.19 -6.80 -37.87
C HIS A 51 -1.82 -7.36 -37.51
N ARG A 52 -1.39 -8.34 -38.30
CA ARG A 52 -0.13 -9.04 -38.06
C ARG A 52 1.04 -8.19 -38.55
N LEU A 53 2.03 -7.99 -37.68
CA LEU A 53 3.23 -7.28 -38.09
C LEU A 53 4.14 -8.22 -38.86
N ARG A 54 4.75 -7.69 -39.92
CA ARG A 54 5.63 -8.51 -40.77
C ARG A 54 6.82 -9.05 -39.97
N GLN A 55 7.36 -8.25 -39.06
CA GLN A 55 8.60 -8.57 -38.37
C GLN A 55 8.34 -9.29 -37.05
N ALA A 56 9.02 -10.41 -36.85
CA ALA A 56 8.94 -11.13 -35.57
C ALA A 56 9.65 -10.35 -34.47
N PRO A 57 8.97 -9.95 -33.40
CA PRO A 57 9.69 -9.31 -32.30
C PRO A 57 10.77 -10.20 -31.72
N HIS A 58 10.55 -11.51 -31.73
CA HIS A 58 11.51 -12.46 -31.19
C HIS A 58 11.36 -13.77 -31.94
N PRO A 59 12.34 -14.67 -31.81
CA PRO A 59 12.31 -15.93 -32.58
C PRO A 59 11.04 -16.76 -32.32
N GLY A 60 10.35 -17.10 -33.41
CA GLY A 60 9.17 -17.93 -33.31
C GLY A 60 7.97 -17.28 -32.67
N VAL A 61 7.94 -15.95 -32.64
CA VAL A 61 6.87 -15.18 -32.02
C VAL A 61 6.24 -14.31 -33.10
N VAL A 62 4.91 -14.23 -33.07
CA VAL A 62 4.15 -13.41 -34.02
C VAL A 62 3.52 -12.26 -33.25
N ALA A 63 3.64 -11.06 -33.79
CA ALA A 63 3.14 -9.86 -33.15
C ALA A 63 1.89 -9.38 -33.87
N TRP A 64 0.86 -9.07 -33.09
CA TRP A 64 -0.35 -8.41 -33.57
C TRP A 64 -0.40 -6.99 -33.00
N ARG A 65 -1.01 -6.09 -33.75
CA ARG A 65 -1.14 -4.71 -33.30
C ARG A 65 -2.49 -4.15 -33.67
N GLY A 66 -3.09 -3.43 -32.72
CA GLY A 66 -4.27 -2.63 -32.93
C GLY A 66 -4.18 -1.35 -32.14
N GLU A 67 -5.24 -0.56 -32.08
CA GLU A 67 -5.11 0.73 -31.42
C GLU A 67 -6.43 1.20 -30.83
N ILE A 68 -6.34 1.88 -29.70
CA ILE A 68 -7.48 2.48 -29.02
C ILE A 68 -7.47 3.96 -29.29
N ASN A 69 -8.61 4.51 -29.71
CA ASN A 69 -8.73 5.94 -29.94
C ASN A 69 -8.87 6.67 -28.60
N LEU A 70 -7.93 7.57 -28.31
CA LEU A 70 -7.92 8.23 -27.02
C LEU A 70 -8.77 9.49 -26.97
N VAL A 71 -9.25 9.98 -28.11
CA VAL A 71 -10.01 11.23 -28.08
C VAL A 71 -11.36 11.01 -27.39
N ASN A 72 -11.92 9.81 -27.47
CA ASN A 72 -13.18 9.48 -26.82
C ASN A 72 -12.94 8.52 -25.67
N GLY A 73 -13.99 8.31 -24.88
CA GLY A 73 -13.98 7.39 -23.76
C GLY A 73 -13.43 8.03 -22.49
N GLN A 74 -13.57 7.28 -21.41
CA GLN A 74 -13.04 7.69 -20.12
C GLN A 74 -11.55 7.34 -20.01
N PRO A 75 -10.84 7.94 -19.05
CA PRO A 75 -9.38 7.73 -18.98
C PRO A 75 -8.96 6.29 -18.81
N ARG A 76 -9.78 5.45 -18.16
CA ARG A 76 -9.37 4.09 -17.87
C ARG A 76 -9.70 3.21 -19.06
N ARG A 77 -8.65 2.85 -19.80
CA ARG A 77 -8.75 2.06 -21.01
C ARG A 77 -8.64 0.59 -20.63
N ARG A 78 -9.76 -0.13 -20.75
CA ARG A 78 -9.84 -1.55 -20.47
C ARG A 78 -9.89 -2.30 -21.78
N TYR A 79 -9.22 -3.45 -21.83
CA TYR A 79 -9.16 -4.25 -23.04
C TYR A 79 -8.69 -5.65 -22.71
N SER A 80 -8.97 -6.56 -23.63
CA SER A 80 -8.38 -7.89 -23.65
C SER A 80 -8.35 -8.33 -25.11
N PHE A 81 -7.81 -9.52 -25.36
CA PHE A 81 -7.54 -9.99 -26.70
C PHE A 81 -8.46 -11.16 -27.03
N LYS A 82 -9.09 -11.12 -28.20
CA LYS A 82 -10.02 -12.15 -28.64
C LYS A 82 -9.38 -12.89 -29.80
N LEU A 83 -8.79 -14.04 -29.51
CA LEU A 83 -8.13 -14.85 -30.53
C LEU A 83 -9.19 -15.64 -31.28
N LEU A 84 -9.18 -15.55 -32.62
CA LEU A 84 -10.28 -16.06 -33.42
C LEU A 84 -9.77 -17.08 -34.45
N TRP A 85 -10.33 -18.28 -34.42
CA TRP A 85 -10.17 -19.25 -35.48
C TRP A 85 -11.49 -19.39 -36.23
N ALA A 86 -11.48 -20.26 -37.24
CA ALA A 86 -12.66 -20.48 -38.07
C ALA A 86 -13.83 -20.98 -37.24
N ASP A 87 -13.57 -21.78 -36.19
CA ASP A 87 -14.62 -22.47 -35.45
C ASP A 87 -14.67 -22.15 -33.97
N ARG A 88 -13.81 -21.29 -33.45
CA ARG A 88 -13.72 -21.11 -32.01
C ARG A 88 -12.99 -19.82 -31.69
N GLN A 89 -12.95 -19.50 -30.39
CA GLN A 89 -12.28 -18.30 -29.89
C GLN A 89 -11.61 -18.63 -28.56
N LEU A 90 -10.72 -17.73 -28.15
CA LEU A 90 -9.98 -17.85 -26.90
C LEU A 90 -9.62 -16.45 -26.45
N TRP A 91 -9.74 -16.19 -25.15
CA TRP A 91 -9.46 -14.87 -24.59
C TRP A 91 -8.08 -14.88 -23.93
N PHE A 92 -7.30 -13.82 -24.15
CA PHE A 92 -6.08 -13.63 -23.41
C PHE A 92 -6.21 -12.43 -22.49
N THR A 93 -5.87 -12.63 -21.22
CA THR A 93 -6.21 -11.72 -20.13
C THR A 93 -5.00 -11.54 -19.20
N PRO A 94 -5.08 -10.64 -18.18
CA PRO A 94 -4.05 -10.61 -17.14
C PRO A 94 -3.86 -11.96 -16.46
N GLN A 95 -4.87 -12.82 -16.55
CA GLN A 95 -4.81 -14.13 -15.92
C GLN A 95 -4.73 -15.21 -17.00
N GLU A 96 -3.86 -15.00 -17.98
CA GLU A 96 -3.55 -15.99 -19.03
C GLU A 96 -4.81 -16.20 -19.87
N PHE A 97 -5.08 -17.43 -20.31
CA PHE A 97 -6.18 -17.71 -21.22
C PHE A 97 -7.46 -17.97 -20.45
N ASN A 98 -8.57 -17.44 -20.97
CA ASN A 98 -9.93 -17.69 -20.51
C ASN A 98 -10.73 -18.27 -21.67
N ARG A 99 -11.55 -19.29 -21.38
CA ARG A 99 -12.40 -19.87 -22.41
C ARG A 99 -13.72 -19.13 -22.59
N PHE A 100 -14.14 -18.36 -21.60
CA PHE A 100 -15.29 -17.47 -21.69
C PHE A 100 -14.87 -16.04 -21.34
N PRO A 101 -15.66 -15.04 -21.73
CA PRO A 101 -15.16 -13.64 -21.68
C PRO A 101 -14.77 -13.24 -20.27
N PRO A 102 -13.64 -12.54 -20.11
CA PRO A 102 -13.23 -12.09 -18.78
C PRO A 102 -14.20 -11.06 -18.20
N ALA A 103 -14.17 -10.94 -16.87
CA ALA A 103 -14.89 -9.87 -16.22
C ALA A 103 -14.38 -8.51 -16.70
N ARG A 104 -15.34 -7.59 -16.91
CA ARG A 104 -15.02 -6.23 -17.32
C ARG A 104 -13.95 -5.61 -16.43
N LEU A 105 -14.05 -5.81 -15.12
CA LEU A 105 -13.11 -5.26 -14.16
C LEU A 105 -11.95 -6.21 -13.87
N GLU A 106 -11.72 -7.19 -14.74
CA GLU A 106 -10.52 -8.01 -14.65
C GLU A 106 -9.76 -8.03 -15.97
N GLN A 107 -9.96 -7.02 -16.80
CA GLN A 107 -9.23 -6.88 -18.06
C GLN A 107 -7.88 -6.21 -17.83
N PHE A 108 -7.07 -6.16 -18.88
CA PHE A 108 -5.97 -5.21 -18.86
C PHE A 108 -6.55 -3.81 -18.79
N ALA A 109 -5.81 -2.90 -18.18
CA ALA A 109 -6.30 -1.55 -18.02
C ALA A 109 -5.12 -0.61 -17.95
N VAL A 110 -5.26 0.55 -18.58
CA VAL A 110 -4.25 1.59 -18.58
C VAL A 110 -4.99 2.92 -18.45
N ASP A 111 -4.50 3.79 -17.57
CA ASP A 111 -5.12 5.09 -17.32
C ASP A 111 -4.42 6.14 -18.21
N LEU A 112 -5.10 6.55 -19.27
CA LEU A 112 -4.63 7.58 -20.20
C LEU A 112 -5.80 8.49 -20.56
N PRO A 113 -5.78 9.75 -20.10
CA PRO A 113 -4.72 10.33 -19.29
C PRO A 113 -4.76 9.90 -17.82
N ASP A 114 -3.60 9.85 -17.17
CA ASP A 114 -3.50 9.48 -15.77
C ASP A 114 -3.54 10.73 -14.90
N SER A 115 -4.57 10.84 -14.06
CA SER A 115 -4.71 11.97 -13.16
C SER A 115 -4.30 11.64 -11.72
N GLY A 116 -3.82 10.41 -11.48
CA GLY A 116 -3.43 10.03 -10.15
C GLY A 116 -2.16 10.72 -9.75
N PRO A 117 -1.72 10.47 -8.50
CA PRO A 117 -0.44 11.05 -8.03
C PRO A 117 0.75 10.31 -8.60
N GLN A 118 1.32 10.83 -9.69
CA GLN A 118 2.39 10.10 -10.37
C GLN A 118 3.68 10.05 -9.57
N TRP A 119 3.80 10.84 -8.51
CA TRP A 119 5.02 10.80 -7.71
C TRP A 119 5.09 9.59 -6.81
N VAL A 120 3.99 8.86 -6.63
CA VAL A 120 3.94 7.80 -5.62
C VAL A 120 4.85 6.65 -6.02
N ALA A 121 4.85 6.29 -7.31
CA ALA A 121 5.65 5.15 -7.75
C ALA A 121 7.15 5.38 -7.61
N ASP A 122 7.58 6.63 -7.40
CA ASP A 122 9.00 6.94 -7.28
C ASP A 122 9.50 6.86 -5.84
N GLN A 123 8.65 6.46 -4.90
CA GLN A 123 8.91 6.63 -3.48
C GLN A 123 9.36 5.32 -2.82
N VAL A 124 10.03 5.47 -1.67
CA VAL A 124 10.17 4.42 -0.67
C VAL A 124 9.58 4.97 0.62
N PHE A 125 8.56 4.30 1.15
CA PHE A 125 7.84 4.76 2.32
C PHE A 125 8.38 4.12 3.59
N TYR A 126 8.21 4.85 4.70
CA TYR A 126 8.59 4.39 6.02
C TYR A 126 7.47 4.77 6.98
N GLN A 127 6.93 3.79 7.69
CA GLN A 127 5.84 4.04 8.62
C GLN A 127 6.40 4.22 10.02
N ILE A 128 6.02 5.30 10.70
CA ILE A 128 6.48 5.60 12.04
C ILE A 128 5.30 5.74 12.98
N PHE A 129 5.32 4.97 14.07
CA PHE A 129 4.48 5.12 15.26
C PHE A 129 5.21 6.07 16.21
N PRO A 130 4.84 7.36 16.23
CA PRO A 130 5.77 8.39 16.76
C PRO A 130 6.25 8.17 18.18
N ASP A 131 5.42 7.66 19.10
CA ASP A 131 5.88 7.50 20.47
C ASP A 131 7.07 6.55 20.55
N ARG A 132 7.19 5.63 19.59
CA ARG A 132 8.14 4.54 19.70
C ARG A 132 9.32 4.68 18.76
N PHE A 133 9.43 5.77 18.00
CA PHE A 133 10.52 5.86 17.03
C PHE A 133 11.76 6.50 17.67
N ALA A 134 11.72 7.79 17.96
CA ALA A 134 12.90 8.45 18.52
C ALA A 134 12.53 9.61 19.41
N ARG A 135 13.13 9.68 20.59
CA ARG A 135 13.02 10.84 21.46
C ARG A 135 13.98 11.91 20.98
N SER A 136 13.51 13.15 20.88
CA SER A 136 14.40 14.21 20.43
C SER A 136 15.46 14.51 21.48
N GLN A 137 16.63 14.95 21.00
CA GLN A 137 17.72 15.31 21.89
C GLN A 137 17.34 16.39 22.89
N SER A 138 16.30 17.17 22.61
CA SER A 138 15.90 18.31 23.43
C SER A 138 14.39 18.28 23.66
N ARG A 139 13.91 17.30 24.40
CA ARG A 139 12.50 17.26 24.77
C ARG A 139 12.35 17.73 26.21
N GLU A 140 11.34 18.58 26.44
CA GLU A 140 10.96 18.99 27.78
C GLU A 140 10.45 17.77 28.57
N ALA A 141 10.77 17.74 29.87
CA ALA A 141 10.06 16.82 30.75
C ALA A 141 8.58 17.16 30.86
N GLU A 142 8.18 18.35 30.38
CA GLU A 142 6.77 18.66 30.24
C GLU A 142 6.06 17.63 29.36
N GLN A 143 6.73 17.18 28.30
CA GLN A 143 6.21 16.13 27.44
C GLN A 143 6.26 14.76 28.10
N ASP A 144 6.93 14.62 29.25
CA ASP A 144 6.97 13.37 29.98
C ASP A 144 5.90 13.25 31.09
N ALA A 145 5.08 14.29 31.28
CA ALA A 145 4.17 14.32 32.41
C ALA A 145 3.08 13.25 32.29
N THR A 146 2.68 12.70 33.44
CA THR A 146 1.56 11.76 33.48
C THR A 146 0.25 12.51 33.67
N TYR A 147 -0.80 11.97 33.06
CA TYR A 147 -2.18 12.39 33.26
C TYR A 147 -3.04 11.14 33.38
N TYR A 148 -4.29 11.37 33.76
CA TYR A 148 -5.24 10.28 33.93
C TYR A 148 -5.91 10.00 32.59
N HIS A 149 -5.81 8.74 32.14
CA HIS A 149 -6.44 8.32 30.88
C HIS A 149 -7.84 7.81 31.20
N HIS A 150 -8.84 8.69 31.07
CA HIS A 150 -10.19 8.36 31.52
C HIS A 150 -10.71 7.08 30.87
N ALA A 151 -10.56 6.98 29.55
CA ALA A 151 -11.09 5.84 28.82
C ALA A 151 -10.49 4.53 29.29
N ALA A 152 -9.31 4.57 29.90
CA ALA A 152 -8.62 3.39 30.40
C ALA A 152 -8.88 3.12 31.89
N GLY A 153 -9.22 4.16 32.65
CA GLY A 153 -9.44 4.01 34.07
C GLY A 153 -8.22 4.16 34.96
N HIS A 154 -7.13 4.75 34.45
CA HIS A 154 -5.92 4.89 35.25
C HIS A 154 -4.99 5.91 34.60
N ASP A 155 -3.96 6.29 35.35
CA ASP A 155 -2.95 7.20 34.83
C ASP A 155 -2.15 6.54 33.70
N ILE A 156 -1.72 7.35 32.74
CA ILE A 156 -0.76 6.84 31.76
C ILE A 156 0.55 6.47 32.46
N VAL A 157 1.32 5.60 31.81
CA VAL A 157 2.59 5.09 32.34
C VAL A 157 3.73 5.56 31.45
N ARG A 158 4.81 6.05 32.07
CA ARG A 158 6.04 6.38 31.38
C ARG A 158 7.03 5.24 31.55
N LYS A 159 7.68 4.87 30.46
CA LYS A 159 8.72 3.85 30.50
C LYS A 159 10.00 4.38 29.85
N ALA A 160 11.11 3.77 30.24
CA ALA A 160 12.39 4.10 29.63
C ALA A 160 12.61 3.23 28.39
N TRP A 161 13.43 3.75 27.48
CA TRP A 161 13.61 3.13 26.18
C TRP A 161 13.99 1.66 26.26
N ASP A 162 14.79 1.27 27.25
CA ASP A 162 15.20 -0.12 27.43
C ASP A 162 14.27 -0.89 28.35
N GLU A 163 13.10 -0.34 28.69
CA GLU A 163 12.28 -1.21 29.52
C GLU A 163 11.44 -2.13 28.63
N PRO A 164 11.25 -3.39 29.01
CA PRO A 164 10.49 -4.32 28.17
C PRO A 164 9.04 -3.89 28.00
N LEU A 165 8.55 -4.06 26.79
CA LEU A 165 7.16 -3.80 26.44
C LEU A 165 6.29 -4.93 26.96
N THR A 166 5.20 -4.57 27.65
CA THR A 166 4.31 -5.54 28.28
C THR A 166 2.87 -5.28 27.86
N ALA A 167 2.01 -6.27 28.09
CA ALA A 167 0.61 -6.17 27.71
C ALA A 167 -0.20 -5.23 28.58
N GLU A 168 0.34 -4.79 29.71
CA GLU A 168 -0.45 -3.98 30.63
C GLU A 168 -0.50 -2.54 30.13
N ALA A 169 -1.69 -1.96 30.14
CA ALA A 169 -1.91 -0.56 29.78
C ALA A 169 -1.47 -0.29 28.35
N GLY A 170 -1.70 -1.27 27.46
CA GLY A 170 -1.14 -1.22 26.12
C GLY A 170 -1.41 0.08 25.37
N GLY A 171 -2.49 0.77 25.70
CA GLY A 171 -2.82 2.01 25.05
C GLY A 171 -2.41 3.24 25.80
N SER A 172 -1.80 3.10 26.97
CA SER A 172 -1.49 4.24 27.83
C SER A 172 -0.04 4.26 28.28
N THR A 173 0.83 3.50 27.62
CA THR A 173 2.25 3.43 27.97
C THR A 173 3.06 4.24 26.96
N PHE A 174 3.79 5.24 27.44
CA PHE A 174 4.52 6.18 26.59
C PHE A 174 6.02 6.03 26.78
N TYR A 175 6.74 5.77 25.69
CA TYR A 175 8.19 5.81 25.73
C TYR A 175 8.76 7.17 25.33
N GLY A 176 7.93 8.09 24.84
CA GLY A 176 8.29 9.48 24.71
C GLY A 176 8.84 9.94 23.37
N GLY A 177 8.84 9.08 22.35
CA GLY A 177 9.24 9.52 21.03
C GLY A 177 8.37 10.68 20.56
N ASP A 178 8.96 11.54 19.72
CA ASP A 178 8.25 12.74 19.31
C ASP A 178 8.66 13.10 17.89
N LEU A 179 8.08 14.19 17.39
CA LEU A 179 8.25 14.55 15.99
C LEU A 179 9.64 15.11 15.71
N ASP A 180 10.19 15.90 16.64
CA ASP A 180 11.57 16.36 16.48
C ASP A 180 12.52 15.20 16.44
N GLY A 181 12.18 14.09 17.11
CA GLY A 181 13.02 12.91 17.04
C GLY A 181 13.09 12.36 15.63
N ILE A 182 11.96 12.38 14.93
CA ILE A 182 11.95 11.98 13.52
C ILE A 182 12.83 12.91 12.72
N SER A 183 12.64 14.22 12.89
CA SER A 183 13.49 15.21 12.23
C SER A 183 14.96 14.89 12.45
N GLU A 184 15.38 14.73 13.70
CA GLU A 184 16.78 14.46 14.00
C GLU A 184 17.28 13.14 13.41
N LYS A 185 16.40 12.18 13.15
CA LYS A 185 16.80 10.90 12.58
C LYS A 185 16.63 10.85 11.05
N LEU A 186 16.25 11.97 10.42
CA LEU A 186 16.15 11.98 8.96
C LEU A 186 17.41 11.49 8.25
N PRO A 187 18.64 11.83 8.67
CA PRO A 187 19.82 11.28 7.98
C PRO A 187 19.88 9.77 8.01
N TYR A 188 19.53 9.14 9.13
CA TYR A 188 19.35 7.69 9.15
C TYR A 188 18.34 7.26 8.09
N LEU A 189 17.17 7.90 8.08
CA LEU A 189 16.12 7.47 7.15
C LEU A 189 16.56 7.67 5.71
N LYS A 190 17.30 8.75 5.44
CA LYS A 190 17.75 9.05 4.08
C LYS A 190 18.80 8.05 3.62
N GLN A 191 19.70 7.63 4.50
CA GLN A 191 20.66 6.62 4.08
C GLN A 191 20.03 5.22 4.03
N LEU A 192 18.85 5.03 4.63
CA LEU A 192 18.06 3.82 4.39
C LEU A 192 17.43 3.80 3.00
N GLY A 193 17.30 4.97 2.37
CA GLY A 193 16.62 5.09 1.10
C GLY A 193 15.20 5.62 1.18
N VAL A 194 14.75 6.01 2.38
CA VAL A 194 13.38 6.48 2.57
C VAL A 194 13.21 7.84 1.89
N THR A 195 12.12 7.99 1.13
CA THR A 195 11.75 9.26 0.51
C THR A 195 10.41 9.80 0.96
N ALA A 196 9.71 9.07 1.84
CA ALA A 196 8.35 9.43 2.20
C ALA A 196 8.01 8.80 3.55
N LEU A 197 7.33 9.57 4.38
CA LEU A 197 6.94 9.13 5.72
C LEU A 197 5.42 9.02 5.81
N TYR A 198 4.94 7.91 6.35
CA TYR A 198 3.55 7.79 6.79
C TYR A 198 3.57 7.73 8.32
N LEU A 199 2.97 8.72 8.97
CA LEU A 199 2.89 8.74 10.43
C LEU A 199 1.54 8.21 10.90
N ASN A 200 1.57 7.38 11.95
CA ASN A 200 0.37 7.07 12.72
C ASN A 200 -0.18 8.38 13.28
N PRO A 201 -1.38 8.41 13.87
CA PRO A 201 -1.99 9.71 14.23
C PRO A 201 -1.12 10.54 15.15
N VAL A 202 -1.13 11.86 14.93
CA VAL A 202 -0.36 12.82 15.70
C VAL A 202 -1.21 13.89 16.35
N PHE A 203 -2.53 13.89 16.13
CA PHE A 203 -3.35 14.96 16.69
C PHE A 203 -3.66 14.68 18.16
N VAL A 204 -4.02 15.73 18.88
CA VAL A 204 -4.25 15.67 20.33
C VAL A 204 -5.18 14.51 20.67
N ALA A 205 -4.70 13.59 21.52
CA ALA A 205 -5.46 12.40 21.93
C ALA A 205 -4.82 11.81 23.18
N PRO A 206 -5.62 11.22 24.10
CA PRO A 206 -5.04 10.74 25.37
C PRO A 206 -4.25 9.44 25.26
N SER A 207 -4.63 8.54 24.36
CA SER A 207 -3.90 7.28 24.28
C SER A 207 -2.54 7.50 23.62
N VAL A 208 -1.74 6.44 23.63
CA VAL A 208 -0.41 6.48 23.02
C VAL A 208 -0.51 6.33 21.51
N HIS A 209 -1.51 5.61 21.00
CA HIS A 209 -1.65 5.43 19.56
C HIS A 209 -2.42 6.57 18.91
N LYS A 210 -3.32 7.19 19.65
CA LYS A 210 -4.01 8.42 19.28
C LYS A 210 -5.03 8.25 18.16
N TYR A 211 -5.59 7.05 17.98
CA TYR A 211 -6.77 6.91 17.12
C TYR A 211 -8.03 7.38 17.82
N ASP A 212 -7.89 7.75 19.10
CA ASP A 212 -8.98 8.30 19.90
C ASP A 212 -8.89 9.82 19.86
N THR A 213 -9.14 10.36 18.67
CA THR A 213 -8.86 11.77 18.39
C THR A 213 -9.66 12.67 19.32
N GLU A 214 -8.97 13.62 19.97
CA GLU A 214 -9.62 14.63 20.79
C GLU A 214 -9.68 16.00 20.11
N ASP A 215 -8.86 16.25 19.11
CA ASP A 215 -8.83 17.57 18.47
C ASP A 215 -8.18 17.40 17.09
N TYR A 216 -8.99 17.51 16.03
CA TYR A 216 -8.49 17.34 14.68
C TYR A 216 -7.68 18.54 14.19
N ARG A 217 -7.56 19.60 14.98
CA ARG A 217 -6.92 20.84 14.53
C ARG A 217 -5.61 21.13 15.25
N ARG A 218 -5.14 20.25 16.12
CA ARG A 218 -3.99 20.57 16.94
C ARG A 218 -3.16 19.30 17.16
N VAL A 219 -1.84 19.45 17.05
CA VAL A 219 -0.90 18.34 17.24
C VAL A 219 -0.72 18.10 18.73
N ASP A 220 -0.62 16.84 19.10
CA ASP A 220 -0.51 16.48 20.51
C ASP A 220 0.78 17.06 21.10
N PRO A 221 0.71 17.76 22.23
CA PRO A 221 1.92 18.32 22.84
C PRO A 221 2.97 17.28 23.14
N GLN A 222 2.55 16.10 23.56
CA GLN A 222 3.48 15.06 23.93
C GLN A 222 4.41 14.69 22.77
N PHE A 223 3.98 14.88 21.54
CA PHE A 223 4.79 14.69 20.35
C PHE A 223 5.56 15.95 19.97
N GLY A 224 5.45 17.01 20.77
CA GLY A 224 6.04 18.29 20.43
C GLY A 224 5.08 19.35 19.92
N GLY A 225 3.79 19.02 19.77
CA GLY A 225 2.80 20.03 19.40
C GLY A 225 2.98 20.51 17.97
N ASP A 226 2.26 21.60 17.66
CA ASP A 226 2.20 22.09 16.28
C ASP A 226 3.58 22.43 15.73
N ALA A 227 4.41 23.13 16.52
CA ALA A 227 5.71 23.59 16.03
C ALA A 227 6.58 22.43 15.62
N ALA A 228 6.46 21.29 16.30
CA ALA A 228 7.33 20.16 15.99
C ALA A 228 6.91 19.49 14.69
N LEU A 229 5.61 19.45 14.41
CA LEU A 229 5.17 18.92 13.12
C LEU A 229 5.47 19.90 11.98
N LEU A 230 5.30 21.20 12.23
CA LEU A 230 5.68 22.19 11.23
C LEU A 230 7.16 22.12 10.92
N ARG A 231 8.00 21.87 11.93
CA ARG A 231 9.42 21.66 11.65
C ARG A 231 9.63 20.39 10.83
N LEU A 232 8.94 19.30 11.19
CA LEU A 232 9.03 18.06 10.43
C LEU A 232 8.56 18.27 8.99
N ARG A 233 7.57 19.13 8.77
CA ARG A 233 7.21 19.49 7.41
C ARG A 233 8.37 20.17 6.70
N HIS A 234 8.95 21.21 7.33
CA HIS A 234 10.07 21.90 6.71
C HIS A 234 11.20 20.92 6.40
N ASN A 235 11.60 20.13 7.39
CA ASN A 235 12.78 19.28 7.24
C ASN A 235 12.59 18.24 6.14
N THR A 236 11.39 17.66 6.03
CA THR A 236 11.17 16.65 4.98
C THR A 236 11.10 17.31 3.61
N GLN A 237 10.41 18.44 3.49
CA GLN A 237 10.45 19.21 2.24
C GLN A 237 11.88 19.48 1.83
N LYS A 238 12.68 20.02 2.75
CA LYS A 238 14.08 20.37 2.48
C LYS A 238 14.85 19.18 1.95
N GLU A 239 14.55 17.97 2.45
CA GLU A 239 15.22 16.75 2.00
C GLU A 239 14.46 16.08 0.85
N GLY A 240 13.55 16.79 0.21
CA GLY A 240 12.72 16.20 -0.85
C GLY A 240 11.98 14.94 -0.44
N MET A 241 11.45 14.91 0.77
CA MET A 241 10.70 13.76 1.25
C MET A 241 9.22 14.09 1.37
N ARG A 242 8.39 13.08 1.16
CA ARG A 242 6.95 13.24 1.27
C ARG A 242 6.48 12.92 2.69
N LEU A 243 5.35 13.52 3.08
CA LEU A 243 4.82 13.35 4.43
C LEU A 243 3.32 13.10 4.34
N ILE A 244 2.89 11.90 4.78
CA ILE A 244 1.47 11.51 4.84
C ILE A 244 1.05 11.38 6.30
N LEU A 245 -0.13 11.92 6.64
CA LEU A 245 -0.68 11.81 7.99
C LEU A 245 -1.83 10.82 8.05
N ASP A 246 -1.96 10.17 9.22
CA ASP A 246 -3.06 9.24 9.46
C ASP A 246 -4.38 10.02 9.60
N GLY A 247 -5.35 9.73 8.73
CA GLY A 247 -6.64 10.38 8.80
C GLY A 247 -7.71 9.50 9.44
N VAL A 248 -8.11 9.84 10.67
CA VAL A 248 -9.00 9.00 11.48
C VAL A 248 -10.40 9.60 11.49
N PHE A 249 -11.18 9.32 10.45
CA PHE A 249 -12.44 10.01 10.23
C PHE A 249 -13.68 9.13 10.39
N ASN A 250 -13.50 7.80 10.52
CA ASN A 250 -14.63 6.92 10.82
C ASN A 250 -15.24 7.23 12.18
N HIS A 251 -14.41 7.66 13.13
CA HIS A 251 -14.78 7.76 14.52
C HIS A 251 -13.89 8.80 15.17
N SER A 252 -14.38 9.41 16.26
CA SER A 252 -13.55 10.26 17.10
C SER A 252 -13.20 9.51 18.40
N GLY A 253 -12.40 10.17 19.24
CA GLY A 253 -12.27 9.72 20.61
C GLY A 253 -13.41 10.23 21.48
N ASP A 254 -13.71 9.50 22.55
CA ASP A 254 -14.80 9.97 23.41
C ASP A 254 -14.39 11.14 24.30
N SER A 255 -13.13 11.58 24.24
CA SER A 255 -12.74 12.81 24.92
C SER A 255 -12.78 14.03 24.02
N HIS A 256 -13.09 13.84 22.74
CA HIS A 256 -13.29 14.97 21.84
C HIS A 256 -14.39 15.88 22.38
N ALA A 257 -14.22 17.18 22.16
CA ALA A 257 -15.23 18.14 22.60
C ALA A 257 -16.59 17.90 21.97
N TRP A 258 -16.65 17.26 20.79
CA TRP A 258 -17.96 17.03 20.17
C TRP A 258 -18.75 15.99 20.94
N PHE A 259 -18.04 15.09 21.64
CA PHE A 259 -18.66 13.99 22.37
C PHE A 259 -18.57 14.20 23.87
N ASP A 260 -17.34 14.27 24.40
CA ASP A 260 -17.07 14.77 25.74
C ASP A 260 -17.76 13.92 26.82
N ARG A 261 -17.50 12.61 26.76
CA ARG A 261 -18.10 11.66 27.70
C ARG A 261 -17.67 11.95 29.13
N HIS A 262 -16.42 12.35 29.32
CA HIS A 262 -15.89 12.66 30.63
C HIS A 262 -16.13 14.11 31.03
N GLN A 263 -17.00 14.82 30.29
CA GLN A 263 -17.48 16.16 30.61
C GLN A 263 -16.34 17.06 31.08
N ARG A 264 -15.35 17.24 30.21
CA ARG A 264 -14.33 18.27 30.40
C ARG A 264 -14.89 19.65 30.14
N GLY A 265 -15.80 19.76 29.17
CA GLY A 265 -16.44 21.01 28.82
C GLY A 265 -17.95 20.92 28.89
N SER A 266 -18.63 21.69 28.05
CA SER A 266 -20.03 21.97 28.32
C SER A 266 -21.01 21.43 27.28
N GLY A 267 -20.64 21.45 26.00
CA GLY A 267 -21.62 21.20 24.96
C GLY A 267 -21.64 19.81 24.36
N GLY A 268 -20.94 18.84 24.96
CA GLY A 268 -20.73 17.56 24.30
C GLY A 268 -22.03 16.85 23.98
N ALA A 269 -21.97 16.00 22.95
CA ALA A 269 -23.14 15.27 22.51
C ALA A 269 -23.48 14.07 23.41
N CYS A 270 -22.51 13.59 24.20
CA CYS A 270 -22.74 12.40 25.02
C CYS A 270 -23.77 12.67 26.12
N HIS A 271 -23.71 13.85 26.73
CA HIS A 271 -24.52 14.15 27.89
C HIS A 271 -25.43 15.37 27.68
N ASN A 272 -25.57 15.84 26.45
CA ASN A 272 -26.41 17.00 26.17
C ASN A 272 -27.23 16.71 24.91
N ALA A 273 -28.55 16.61 25.06
CA ALA A 273 -29.41 16.38 23.91
C ALA A 273 -29.49 17.58 22.99
N ASP A 274 -29.20 18.78 23.50
CA ASP A 274 -29.21 20.01 22.71
C ASP A 274 -27.84 20.29 22.07
N SER A 275 -26.92 19.34 22.16
CA SER A 275 -25.56 19.57 21.71
C SER A 275 -25.51 19.86 20.22
N PRO A 276 -24.66 20.78 19.78
CA PRO A 276 -24.51 21.02 18.32
C PRO A 276 -24.10 19.78 17.55
N TRP A 277 -23.53 18.79 18.21
CA TRP A 277 -23.03 17.61 17.52
C TRP A 277 -23.83 16.37 17.86
N ARG A 278 -25.06 16.56 18.36
CA ARG A 278 -25.88 15.43 18.78
C ARG A 278 -26.13 14.47 17.63
N ASP A 279 -26.31 15.01 16.43
CA ASP A 279 -26.58 14.21 15.24
C ASP A 279 -25.30 13.71 14.58
N TRP A 280 -24.13 13.90 15.20
CA TRP A 280 -22.91 13.34 14.67
C TRP A 280 -22.60 11.97 15.26
N TYR A 281 -23.47 11.47 16.15
CA TYR A 281 -23.26 10.22 16.87
C TYR A 281 -24.60 9.50 17.06
N ASN A 282 -24.53 8.19 17.29
CA ASN A 282 -25.72 7.36 17.44
C ASN A 282 -26.09 7.17 18.91
N PHE A 283 -27.38 7.25 19.20
CA PHE A 283 -27.91 7.17 20.55
C PHE A 283 -29.11 6.24 20.58
N SER A 284 -29.31 5.58 21.71
CA SER A 284 -30.51 4.79 21.95
C SER A 284 -31.74 5.70 22.01
N PRO A 285 -32.94 5.14 21.80
CA PRO A 285 -34.13 5.99 21.82
C PRO A 285 -34.28 6.77 23.12
N GLU A 286 -33.77 6.24 24.24
CA GLU A 286 -33.72 6.96 25.50
C GLU A 286 -32.56 7.95 25.59
N GLY A 287 -31.75 8.08 24.54
CA GLY A 287 -30.71 9.10 24.50
C GLY A 287 -29.40 8.75 25.15
N VAL A 288 -29.05 7.46 25.21
CA VAL A 288 -27.76 7.02 25.74
C VAL A 288 -26.84 6.75 24.56
N ALA A 289 -25.64 7.34 24.60
CA ALA A 289 -24.69 7.18 23.52
C ALA A 289 -24.33 5.71 23.32
N HIS A 290 -24.28 5.29 22.06
CA HIS A 290 -23.90 3.93 21.71
C HIS A 290 -22.38 3.78 21.67
N ASP A 291 -21.93 2.58 22.02
CA ASP A 291 -20.56 2.15 21.75
C ASP A 291 -20.40 1.85 20.27
N TRP A 292 -19.17 1.97 19.78
CA TRP A 292 -18.85 1.48 18.43
C TRP A 292 -18.07 0.19 18.56
N LEU A 293 -18.56 -0.86 17.91
CA LEU A 293 -18.04 -2.21 18.12
C LEU A 293 -17.91 -2.43 19.62
N GLY A 294 -16.72 -2.76 20.11
CA GLY A 294 -16.58 -2.90 21.54
C GLY A 294 -16.21 -1.64 22.28
N TYR A 295 -16.03 -0.52 21.58
CA TYR A 295 -15.28 0.62 22.10
C TYR A 295 -16.20 1.71 22.60
N ALA A 296 -16.17 1.97 23.91
CA ALA A 296 -16.66 3.25 24.40
C ALA A 296 -15.75 4.39 23.96
N SER A 297 -14.44 4.14 23.84
CA SER A 297 -13.51 5.24 23.59
C SER A 297 -13.59 5.80 22.17
N LEU A 298 -14.17 5.06 21.22
CA LEU A 298 -14.09 5.41 19.80
C LEU A 298 -15.47 5.54 19.16
N PRO A 299 -16.29 6.47 19.64
CA PRO A 299 -17.66 6.59 19.09
C PRO A 299 -17.66 6.90 17.61
N LYS A 300 -18.53 6.22 16.86
CA LYS A 300 -18.54 6.34 15.41
C LYS A 300 -19.25 7.61 14.96
N LEU A 301 -18.67 8.27 13.96
CA LEU A 301 -19.20 9.51 13.40
C LEU A 301 -20.26 9.19 12.36
N ASP A 302 -21.35 9.93 12.38
CA ASP A 302 -22.51 9.61 11.57
C ASP A 302 -22.57 10.56 10.38
N TYR A 303 -22.15 10.07 9.22
CA TYR A 303 -22.12 10.89 8.02
C TYR A 303 -23.48 11.09 7.39
N ARG A 304 -24.55 10.69 8.09
CA ARG A 304 -25.88 11.16 7.73
C ARG A 304 -26.00 12.67 7.88
N SER A 305 -25.25 13.27 8.81
CA SER A 305 -25.39 14.67 9.14
C SER A 305 -24.66 15.54 8.13
N SER A 306 -25.39 16.48 7.51
CA SER A 306 -24.78 17.38 6.55
C SER A 306 -23.68 18.24 7.18
N THR A 307 -23.87 18.67 8.43
CA THR A 307 -22.87 19.52 9.06
C THR A 307 -21.61 18.74 9.37
N LEU A 308 -21.73 17.45 9.70
CA LEU A 308 -20.54 16.61 9.85
C LEU A 308 -19.79 16.50 8.52
N ILE A 309 -20.53 16.24 7.44
CA ILE A 309 -19.93 16.17 6.11
C ILE A 309 -19.12 17.44 5.83
N ASP A 310 -19.69 18.60 6.16
CA ASP A 310 -18.98 19.85 5.92
C ASP A 310 -17.73 19.95 6.79
N GLU A 311 -17.83 19.56 8.06
CA GLU A 311 -16.69 19.70 8.97
C GLU A 311 -15.53 18.83 8.52
N ILE A 312 -15.80 17.63 8.05
CA ILE A 312 -14.72 16.69 7.77
C ILE A 312 -14.13 16.94 6.39
N TYR A 313 -14.98 17.00 5.36
CA TYR A 313 -14.48 17.16 4.00
C TYR A 313 -15.27 18.13 3.13
N GLY A 314 -16.46 18.54 3.52
CA GLY A 314 -17.33 19.27 2.62
C GLY A 314 -16.91 20.71 2.38
N GLY A 315 -16.55 21.42 3.45
CA GLY A 315 -16.26 22.83 3.35
C GLY A 315 -14.78 23.12 3.15
N GLU A 316 -14.50 24.36 2.74
CA GLU A 316 -13.12 24.79 2.57
C GLU A 316 -12.37 24.76 3.89
N ASP A 317 -13.07 24.83 5.01
CA ASP A 317 -12.45 24.81 6.32
C ASP A 317 -12.37 23.40 6.91
N SER A 318 -12.70 22.37 6.13
CA SER A 318 -12.79 21.00 6.63
C SER A 318 -11.44 20.44 7.08
N VAL A 319 -11.52 19.41 7.91
CA VAL A 319 -10.32 18.77 8.45
C VAL A 319 -9.47 18.20 7.32
N VAL A 320 -10.12 17.64 6.31
CA VAL A 320 -9.39 16.93 5.27
C VAL A 320 -8.51 17.92 4.49
N ARG A 321 -9.02 19.13 4.26
CA ARG A 321 -8.28 20.12 3.50
C ARG A 321 -7.37 20.97 4.36
N HIS A 322 -7.70 21.10 5.66
CA HIS A 322 -6.89 21.90 6.58
C HIS A 322 -5.41 21.53 6.51
N TRP A 323 -5.10 20.24 6.65
CA TRP A 323 -3.71 19.81 6.72
C TRP A 323 -3.05 19.72 5.36
N LEU A 324 -3.77 20.03 4.28
CA LEU A 324 -3.21 19.98 2.93
C LEU A 324 -2.82 21.34 2.38
N LYS A 325 -3.19 22.43 3.04
CA LYS A 325 -2.83 23.76 2.59
C LYS A 325 -1.83 24.39 3.54
N ALA A 326 -1.37 25.58 3.16
CA ALA A 326 -0.40 26.29 3.99
C ALA A 326 -1.02 26.55 5.36
N PRO A 327 -0.25 26.39 6.44
CA PRO A 327 1.20 26.09 6.40
C PRO A 327 1.58 24.61 6.42
N TRP A 328 0.58 23.72 6.50
CA TRP A 328 0.85 22.30 6.73
C TRP A 328 1.30 21.60 5.46
N SER A 329 0.60 21.84 4.35
CA SER A 329 0.98 21.34 3.04
C SER A 329 1.47 19.90 3.09
N MET A 330 0.70 19.05 3.77
CA MET A 330 1.02 17.64 3.77
C MET A 330 0.68 17.03 2.41
N ASP A 331 1.30 15.89 2.11
CA ASP A 331 1.20 15.28 0.79
C ASP A 331 0.00 14.34 0.63
N GLY A 332 -0.79 14.15 1.67
CA GLY A 332 -2.00 13.38 1.56
C GLY A 332 -2.39 12.76 2.90
N TRP A 333 -3.26 11.77 2.80
CA TRP A 333 -3.94 11.16 3.94
C TRP A 333 -3.92 9.65 3.82
N ARG A 334 -3.51 8.97 4.89
CA ARG A 334 -3.80 7.56 5.06
C ARG A 334 -5.11 7.43 5.84
N LEU A 335 -6.14 6.84 5.23
CA LEU A 335 -7.46 6.83 5.82
C LEU A 335 -7.61 5.61 6.72
N ASP A 336 -7.77 5.84 8.02
CA ASP A 336 -8.00 4.78 8.99
C ASP A 336 -9.45 4.29 8.90
N VAL A 337 -9.65 2.98 9.07
CA VAL A 337 -10.96 2.33 8.98
C VAL A 337 -11.72 2.85 7.77
N VAL A 338 -11.09 2.78 6.58
CA VAL A 338 -11.69 3.42 5.41
C VAL A 338 -12.95 2.69 4.97
N HIS A 339 -13.04 1.40 5.25
CA HIS A 339 -14.11 0.56 4.75
C HIS A 339 -15.38 0.61 5.60
N MET A 340 -15.34 1.19 6.80
CA MET A 340 -16.51 1.18 7.67
C MET A 340 -17.12 2.56 7.87
N LEU A 341 -16.37 3.61 7.55
CA LEU A 341 -16.90 4.96 7.57
C LEU A 341 -18.23 5.05 6.83
N GLY A 342 -19.23 5.65 7.46
CA GLY A 342 -20.50 5.79 6.77
C GLY A 342 -21.58 6.34 7.68
N GLU A 343 -22.82 6.01 7.35
CA GLU A 343 -23.98 6.62 7.97
C GLU A 343 -24.68 5.66 8.94
N GLY A 344 -25.40 6.26 9.89
CA GLY A 344 -26.26 5.50 10.79
C GLY A 344 -25.60 4.43 11.62
N GLY A 345 -24.29 4.52 11.86
CA GLY A 345 -23.60 3.57 12.71
C GLY A 345 -22.90 2.44 12.00
N GLY A 346 -22.94 2.44 10.66
CA GLY A 346 -22.33 1.38 9.88
C GLY A 346 -21.73 1.94 8.60
N ALA A 347 -21.48 1.08 7.62
CA ALA A 347 -20.83 1.48 6.38
C ALA A 347 -21.82 1.92 5.31
N ARG A 348 -22.98 2.44 5.70
CA ARG A 348 -23.97 2.86 4.71
C ARG A 348 -23.47 4.08 3.96
N ASN A 349 -23.50 4.00 2.63
CA ASN A 349 -22.99 5.04 1.75
C ASN A 349 -21.49 5.26 1.94
N ASN A 350 -20.77 4.21 2.33
CA ASN A 350 -19.35 4.33 2.53
C ASN A 350 -18.64 4.83 1.28
N LEU A 351 -18.99 4.28 0.10
CA LEU A 351 -18.28 4.62 -1.13
C LEU A 351 -18.46 6.08 -1.49
N ARG A 352 -19.61 6.65 -1.19
CA ARG A 352 -19.83 8.06 -1.48
C ARG A 352 -18.96 8.93 -0.60
N HIS A 353 -18.85 8.60 0.68
CA HIS A 353 -18.12 9.46 1.60
C HIS A 353 -16.61 9.34 1.39
N ILE A 354 -16.10 8.14 1.11
CA ILE A 354 -14.67 8.03 0.83
C ILE A 354 -14.32 8.80 -0.44
N ALA A 355 -15.17 8.71 -1.47
CA ALA A 355 -14.96 9.53 -2.65
C ALA A 355 -15.01 11.01 -2.32
N GLY A 356 -15.99 11.42 -1.50
CA GLY A 356 -16.07 12.81 -1.09
C GLY A 356 -14.81 13.28 -0.41
N ILE A 357 -14.18 12.41 0.39
CA ILE A 357 -12.95 12.78 1.06
C ILE A 357 -11.82 12.94 0.06
N THR A 358 -11.62 11.93 -0.78
CA THR A 358 -10.57 11.99 -1.80
C THR A 358 -10.76 13.21 -2.69
N GLN A 359 -12.00 13.51 -3.10
CA GLN A 359 -12.26 14.67 -3.93
C GLN A 359 -11.84 15.96 -3.23
N ALA A 360 -12.16 16.07 -1.94
CA ALA A 360 -11.83 17.28 -1.20
C ALA A 360 -10.33 17.43 -1.05
N ALA A 361 -9.61 16.32 -0.89
CA ALA A 361 -8.16 16.37 -0.84
C ALA A 361 -7.60 16.97 -2.13
N LYS A 362 -8.05 16.47 -3.28
CA LYS A 362 -7.48 16.92 -4.56
C LYS A 362 -7.95 18.32 -4.95
N LEU A 363 -9.08 18.78 -4.41
CA LEU A 363 -9.43 20.19 -4.53
C LEU A 363 -8.36 21.07 -3.89
N GLU A 364 -8.06 20.80 -2.62
CA GLU A 364 -7.03 21.56 -1.94
C GLU A 364 -5.67 21.36 -2.60
N ARG A 365 -5.34 20.12 -2.96
CA ARG A 365 -4.01 19.77 -3.42
C ARG A 365 -4.11 18.71 -4.52
N PRO A 366 -3.99 19.10 -5.79
CA PRO A 366 -4.27 18.14 -6.88
C PRO A 366 -3.43 16.88 -6.90
N ASP A 367 -2.14 16.93 -6.51
CA ASP A 367 -1.35 15.71 -6.44
C ASP A 367 -1.33 15.09 -5.04
N ALA A 368 -2.36 15.34 -4.23
CA ALA A 368 -2.48 14.67 -2.93
C ALA A 368 -2.68 13.16 -3.11
N PHE A 369 -2.09 12.41 -2.20
CA PHE A 369 -2.17 10.95 -2.19
C PHE A 369 -3.15 10.53 -1.10
N VAL A 370 -4.23 9.85 -1.48
CA VAL A 370 -5.22 9.37 -0.52
C VAL A 370 -5.34 7.86 -0.65
N PHE A 371 -5.01 7.14 0.43
CA PHE A 371 -5.11 5.68 0.43
C PHE A 371 -5.64 5.18 1.77
N GLY A 372 -6.33 4.05 1.73
CA GLY A 372 -7.06 3.54 2.88
C GLY A 372 -6.54 2.20 3.40
N GLU A 373 -6.68 1.98 4.70
CA GLU A 373 -6.28 0.72 5.30
C GLU A 373 -7.34 -0.33 4.98
N HIS A 374 -6.98 -1.30 4.14
CA HIS A 374 -7.88 -2.39 3.79
C HIS A 374 -7.21 -3.69 4.22
N PHE A 375 -7.60 -4.21 5.38
CA PHE A 375 -7.33 -5.62 5.68
C PHE A 375 -8.07 -6.53 4.72
N GLY A 376 -9.21 -6.08 4.18
CA GLY A 376 -10.02 -6.87 3.30
C GLY A 376 -9.76 -6.59 1.84
N ASP A 377 -10.72 -7.01 1.00
CA ASP A 377 -10.64 -6.87 -0.45
C ASP A 377 -11.09 -5.46 -0.83
N ALA A 378 -10.13 -4.61 -1.23
CA ALA A 378 -10.36 -3.21 -1.57
C ALA A 378 -10.81 -2.98 -3.01
N ARG A 379 -11.01 -4.04 -3.80
CA ARG A 379 -11.14 -3.88 -5.24
C ARG A 379 -12.32 -2.98 -5.62
N GLN A 380 -13.45 -3.07 -4.91
CA GLN A 380 -14.58 -2.23 -5.28
C GLN A 380 -14.28 -0.74 -5.10
N TRP A 381 -13.60 -0.40 -4.00
CA TRP A 381 -13.20 0.97 -3.76
C TRP A 381 -12.28 1.48 -4.86
N LEU A 382 -11.24 0.71 -5.17
CA LEU A 382 -10.27 1.10 -6.18
C LEU A 382 -10.90 1.13 -7.58
N GLN A 383 -11.79 0.18 -7.85
CA GLN A 383 -12.40 0.07 -9.18
C GLN A 383 -13.39 1.19 -9.48
N ALA A 384 -13.96 1.81 -8.45
CA ALA A 384 -14.74 3.04 -8.56
C ALA A 384 -13.89 4.29 -8.35
N ASP A 385 -12.60 4.13 -8.07
CA ASP A 385 -11.67 5.26 -7.93
C ASP A 385 -12.02 6.18 -6.76
N VAL A 386 -12.62 5.64 -5.70
CA VAL A 386 -12.93 6.49 -4.54
C VAL A 386 -11.69 6.79 -3.71
N GLU A 387 -10.57 6.14 -4.00
CA GLU A 387 -9.29 6.45 -3.38
C GLU A 387 -8.21 6.05 -4.38
N ASP A 388 -6.98 6.54 -4.14
CA ASP A 388 -5.87 6.34 -5.08
C ASP A 388 -5.22 4.96 -4.97
N SER A 389 -5.38 4.28 -3.84
CA SER A 389 -4.56 3.14 -3.48
C SER A 389 -5.09 2.60 -2.16
N ALA A 390 -4.60 1.44 -1.78
CA ALA A 390 -4.91 0.86 -0.48
C ALA A 390 -3.68 0.22 0.10
N MET A 391 -3.59 0.21 1.44
CA MET A 391 -2.62 -0.65 2.10
C MET A 391 -2.91 -2.07 1.65
N ASN A 392 -1.99 -2.67 0.90
CA ASN A 392 -2.34 -3.83 0.09
C ASN A 392 -2.17 -5.14 0.86
N TYR A 393 -2.90 -5.23 1.98
CA TYR A 393 -2.88 -6.46 2.77
C TYR A 393 -3.37 -7.67 1.97
N ARG A 394 -4.44 -7.50 1.20
CA ARG A 394 -5.02 -8.65 0.49
C ARG A 394 -4.21 -8.99 -0.76
N GLY A 395 -3.63 -8.00 -1.42
CA GLY A 395 -2.91 -8.25 -2.65
C GLY A 395 -1.44 -8.56 -2.49
N PHE A 396 -0.88 -8.23 -1.32
CA PHE A 396 0.57 -8.42 -1.09
C PHE A 396 0.87 -9.07 0.26
N THR A 397 0.46 -8.41 1.35
CA THR A 397 0.87 -8.86 2.68
C THR A 397 0.46 -10.31 2.94
N PHE A 398 -0.82 -10.62 2.79
CA PHE A 398 -1.28 -11.93 3.24
C PHE A 398 -0.82 -13.07 2.33
N PRO A 399 -0.72 -12.90 1.01
CA PRO A 399 -0.05 -13.94 0.21
C PRO A 399 1.36 -14.26 0.71
N LEU A 400 2.14 -13.24 1.09
CA LEU A 400 3.47 -13.51 1.62
C LEU A 400 3.40 -14.13 3.01
N TRP A 401 2.40 -13.78 3.83
CA TRP A 401 2.22 -14.49 5.08
C TRP A 401 1.98 -15.98 4.82
N GLY A 402 1.15 -16.29 3.84
CA GLY A 402 0.84 -17.68 3.59
C GLY A 402 2.03 -18.45 3.02
N PHE A 403 2.66 -17.89 1.99
CA PHE A 403 3.70 -18.62 1.28
C PHE A 403 4.96 -18.75 2.12
N LEU A 404 5.36 -17.69 2.84
CA LEU A 404 6.60 -17.70 3.61
C LEU A 404 6.41 -18.05 5.08
N ALA A 405 5.32 -17.61 5.73
CA ALA A 405 5.14 -17.73 7.17
C ALA A 405 4.07 -18.74 7.61
N ASN A 406 3.41 -19.40 6.67
CA ASN A 406 2.35 -20.37 6.96
C ASN A 406 1.21 -19.79 7.79
N THR A 407 0.86 -18.53 7.60
CA THR A 407 -0.26 -17.99 8.36
C THR A 407 -1.01 -16.97 7.51
N ASP A 408 -2.03 -16.34 8.10
CA ASP A 408 -2.92 -15.47 7.33
C ASP A 408 -3.45 -14.39 8.25
N ILE A 409 -4.40 -13.59 7.71
CA ILE A 409 -5.00 -12.46 8.43
C ILE A 409 -5.53 -12.85 9.81
N SER A 410 -5.98 -14.09 9.97
CA SER A 410 -6.53 -14.56 11.24
C SER A 410 -5.51 -15.32 12.07
N TYR A 411 -4.26 -15.43 11.61
CA TYR A 411 -3.23 -16.23 12.26
C TYR A 411 -3.70 -17.70 12.39
N ASP A 412 -4.40 -18.19 11.32
CA ASP A 412 -4.83 -19.55 11.06
C ASP A 412 -3.77 -20.27 10.22
N PRO A 413 -3.68 -21.60 10.35
CA PRO A 413 -2.65 -22.33 9.57
C PRO A 413 -2.91 -22.15 8.08
N GLN A 414 -1.82 -21.93 7.34
CA GLN A 414 -1.90 -21.69 5.92
C GLN A 414 -0.82 -22.51 5.25
N LYS A 415 -1.18 -23.23 4.19
CA LYS A 415 -0.22 -24.08 3.46
C LYS A 415 -0.50 -23.87 1.97
N ILE A 416 0.25 -22.94 1.37
CA ILE A 416 0.05 -22.58 -0.02
C ILE A 416 1.39 -22.58 -0.74
N ASP A 417 1.43 -23.18 -1.92
CA ASP A 417 2.66 -23.25 -2.69
C ASP A 417 2.76 -22.05 -3.61
N ALA A 418 3.80 -22.04 -4.45
CA ALA A 418 4.05 -20.90 -5.33
C ALA A 418 2.92 -20.67 -6.33
N GLN A 419 2.37 -21.75 -6.88
CA GLN A 419 1.23 -21.63 -7.81
C GLN A 419 0.08 -20.86 -7.17
N THR A 420 -0.36 -21.32 -6.01
CA THR A 420 -1.46 -20.66 -5.32
C THR A 420 -1.10 -19.21 -4.97
N CYS A 421 0.11 -19.00 -4.45
CA CYS A 421 0.52 -17.64 -4.05
C CYS A 421 0.42 -16.68 -5.22
N MET A 422 0.87 -17.11 -6.40
CA MET A 422 0.91 -16.16 -7.51
C MET A 422 -0.46 -16.01 -8.18
N ALA A 423 -1.22 -17.09 -8.29
CA ALA A 423 -2.62 -16.98 -8.72
C ALA A 423 -3.36 -15.99 -7.84
N TRP A 424 -3.10 -16.04 -6.54
CA TRP A 424 -3.70 -15.09 -5.59
C TRP A 424 -3.25 -13.67 -5.89
N MET A 425 -1.93 -13.44 -5.92
CA MET A 425 -1.43 -12.09 -6.15
C MET A 425 -1.79 -11.59 -7.54
N ASP A 426 -1.75 -12.47 -8.54
CA ASP A 426 -2.07 -12.01 -9.90
C ASP A 426 -3.56 -11.78 -10.07
N ASN A 427 -4.40 -12.52 -9.34
CA ASN A 427 -5.84 -12.29 -9.43
C ASN A 427 -6.21 -10.95 -8.80
N TYR A 428 -5.60 -10.60 -7.67
CA TYR A 428 -5.86 -9.29 -7.10
C TYR A 428 -5.50 -8.17 -8.06
N ARG A 429 -4.28 -8.19 -8.64
CA ARG A 429 -3.85 -7.11 -9.54
C ARG A 429 -4.74 -6.99 -10.74
N ALA A 430 -5.29 -8.11 -11.22
CA ALA A 430 -6.12 -8.11 -12.42
C ALA A 430 -7.25 -7.10 -12.33
N GLY A 431 -7.71 -6.80 -11.12
CA GLY A 431 -8.74 -5.80 -10.93
C GLY A 431 -8.29 -4.37 -10.98
N LEU A 432 -7.01 -4.11 -11.26
CA LEU A 432 -6.41 -2.79 -11.10
C LEU A 432 -5.70 -2.35 -12.37
N SER A 433 -5.84 -1.07 -12.72
CA SER A 433 -5.10 -0.57 -13.87
C SER A 433 -3.60 -0.64 -13.60
N HIS A 434 -2.81 -0.53 -14.66
CA HIS A 434 -1.36 -0.56 -14.45
C HIS A 434 -0.90 0.59 -13.55
N GLN A 435 -1.47 1.77 -13.72
CA GLN A 435 -1.10 2.91 -12.89
C GLN A 435 -1.55 2.73 -11.46
N GLN A 436 -2.67 2.03 -11.24
CA GLN A 436 -3.10 1.70 -9.89
C GLN A 436 -2.16 0.69 -9.26
N GLN A 437 -1.76 -0.34 -10.01
CA GLN A 437 -0.87 -1.34 -9.45
C GLN A 437 0.43 -0.69 -8.99
N LEU A 438 0.92 0.28 -9.75
CA LEU A 438 2.18 0.91 -9.42
C LEU A 438 2.13 1.67 -8.11
N ARG A 439 0.94 2.08 -7.65
CA ARG A 439 0.87 2.86 -6.41
C ARG A 439 0.21 2.11 -5.26
N MET A 440 -0.01 0.81 -5.39
CA MET A 440 -0.50 0.05 -4.25
C MET A 440 0.50 0.12 -3.11
N PHE A 441 -0.01 0.28 -1.89
CA PHE A 441 0.81 0.56 -0.71
C PHE A 441 1.15 -0.78 -0.03
N ASN A 442 2.32 -1.32 -0.35
CA ASN A 442 2.71 -2.67 0.05
C ASN A 442 3.58 -2.64 1.31
N GLN A 443 3.24 -3.49 2.28
CA GLN A 443 4.11 -3.70 3.43
C GLN A 443 3.93 -5.11 3.98
N LEU A 444 4.85 -5.50 4.84
CA LEU A 444 4.87 -6.85 5.38
C LEU A 444 4.18 -6.95 6.73
N ASP A 445 3.94 -5.83 7.39
CA ASP A 445 3.37 -5.80 8.73
C ASP A 445 3.09 -4.33 9.06
N SER A 446 2.48 -4.09 10.20
CA SER A 446 2.11 -2.73 10.57
C SER A 446 1.92 -2.64 12.08
N HIS A 447 1.45 -1.49 12.55
CA HIS A 447 1.05 -1.30 13.93
C HIS A 447 -0.16 -2.14 14.32
N ALA A 448 -0.85 -2.75 13.35
CA ALA A 448 -2.06 -3.51 13.57
C ALA A 448 -1.88 -5.00 13.31
N THR A 449 -0.65 -5.45 13.08
CA THR A 449 -0.36 -6.87 12.92
C THR A 449 0.84 -7.26 13.76
N ALA A 450 1.00 -8.57 13.97
CA ALA A 450 2.25 -9.09 14.48
C ALA A 450 3.39 -8.71 13.53
N ARG A 451 4.61 -8.64 14.08
CA ARG A 451 5.79 -8.43 13.25
C ARG A 451 6.00 -9.63 12.34
N PHE A 452 6.28 -9.36 11.06
CA PHE A 452 6.46 -10.45 10.10
C PHE A 452 7.61 -11.35 10.52
N LYS A 453 8.70 -10.78 11.05
CA LYS A 453 9.82 -11.61 11.49
C LYS A 453 9.40 -12.61 12.55
N SER A 454 8.52 -12.20 13.48
CA SER A 454 8.00 -13.14 14.46
C SER A 454 7.10 -14.20 13.81
N LEU A 455 6.29 -13.80 12.82
CA LEU A 455 5.38 -14.76 12.19
C LEU A 455 6.13 -15.88 11.48
N LEU A 456 7.41 -15.67 11.13
CA LEU A 456 8.16 -16.70 10.40
C LEU A 456 8.57 -17.83 11.33
N GLY A 457 8.78 -17.55 12.60
CA GLY A 457 9.08 -18.59 13.57
C GLY A 457 10.40 -19.25 13.23
N LYS A 458 10.35 -20.58 13.12
CA LYS A 458 11.54 -21.35 12.74
C LYS A 458 12.08 -20.96 11.37
N ASP A 459 11.25 -20.41 10.48
CA ASP A 459 11.66 -20.07 9.13
C ASP A 459 12.10 -18.61 9.00
N VAL A 460 12.70 -18.05 10.06
CA VAL A 460 13.08 -16.64 10.01
C VAL A 460 14.10 -16.36 8.93
N ALA A 461 14.83 -17.38 8.46
CA ALA A 461 15.79 -17.15 7.39
C ALA A 461 15.13 -16.72 6.09
N ARG A 462 13.80 -16.85 5.98
CA ARG A 462 13.07 -16.37 4.82
C ARG A 462 12.84 -14.87 4.82
N LEU A 463 13.16 -14.18 5.91
CA LEU A 463 12.94 -12.72 5.98
C LEU A 463 13.59 -11.95 4.84
N PRO A 464 14.84 -12.22 4.44
CA PRO A 464 15.41 -11.47 3.31
C PRO A 464 14.64 -11.66 2.02
N LEU A 465 13.91 -12.77 1.87
CA LEU A 465 13.13 -12.96 0.66
C LEU A 465 11.99 -11.94 0.58
N ALA A 466 11.28 -11.76 1.70
CA ALA A 466 10.17 -10.82 1.73
C ALA A 466 10.64 -9.41 1.46
N VAL A 467 11.85 -9.06 1.93
CA VAL A 467 12.41 -7.73 1.71
C VAL A 467 12.61 -7.48 0.21
N VAL A 468 13.31 -8.38 -0.46
CA VAL A 468 13.53 -8.27 -1.91
C VAL A 468 12.19 -8.21 -2.63
N TRP A 469 11.30 -9.11 -2.26
CA TRP A 469 9.96 -9.13 -2.86
C TRP A 469 9.25 -7.80 -2.63
N LEU A 470 9.40 -7.24 -1.43
CA LEU A 470 8.71 -6.01 -1.10
C LEU A 470 9.10 -4.88 -2.07
N PHE A 471 10.35 -4.85 -2.48
CA PHE A 471 10.84 -3.75 -3.32
C PHE A 471 10.68 -4.01 -4.81
N SER A 472 10.27 -5.23 -5.20
CA SER A 472 10.27 -5.61 -6.61
C SER A 472 8.90 -5.99 -7.17
N TRP A 473 7.91 -6.31 -6.30
CA TRP A 473 6.54 -6.49 -6.76
C TRP A 473 5.91 -5.13 -7.08
N PRO A 474 5.09 -5.04 -8.12
CA PRO A 474 4.48 -3.74 -8.46
C PRO A 474 3.80 -3.08 -7.26
N GLY A 475 4.10 -1.80 -7.07
CA GLY A 475 3.57 -1.01 -5.98
C GLY A 475 4.69 -0.24 -5.28
N VAL A 476 4.26 0.67 -4.40
CA VAL A 476 5.20 1.49 -3.63
C VAL A 476 5.48 0.77 -2.31
N PRO A 477 6.74 0.55 -1.95
CA PRO A 477 7.02 -0.19 -0.72
C PRO A 477 6.98 0.71 0.52
N CYS A 478 6.55 0.14 1.64
CA CYS A 478 6.54 0.82 2.92
C CYS A 478 7.21 -0.05 3.96
N ILE A 479 8.25 0.49 4.61
CA ILE A 479 8.97 -0.17 5.68
C ILE A 479 8.28 0.20 6.98
N TYR A 480 7.88 -0.80 7.77
CA TYR A 480 7.32 -0.53 9.09
C TYR A 480 8.50 -0.35 10.06
N TYR A 481 8.53 0.78 10.78
CA TYR A 481 9.75 1.24 11.45
C TYR A 481 10.38 0.10 12.25
N GLY A 482 11.70 -0.01 12.18
CA GLY A 482 12.41 -1.03 12.91
C GLY A 482 12.46 -2.38 12.24
N ASP A 483 11.54 -2.67 11.30
CA ASP A 483 11.65 -3.90 10.53
C ASP A 483 13.04 -4.07 9.97
N GLU A 484 13.62 -2.98 9.47
CA GLU A 484 14.88 -3.03 8.75
C GLU A 484 16.04 -3.42 9.64
N VAL A 485 15.96 -3.14 10.95
CA VAL A 485 16.99 -3.56 11.88
C VAL A 485 16.60 -4.81 12.64
N GLY A 486 15.51 -5.47 12.25
CA GLY A 486 15.16 -6.76 12.81
C GLY A 486 14.29 -6.75 14.05
N VAL A 487 13.55 -5.67 14.29
CA VAL A 487 12.61 -5.64 15.41
C VAL A 487 11.58 -6.75 15.22
N ASP A 488 11.30 -7.49 16.28
CA ASP A 488 10.22 -8.48 16.22
C ASP A 488 9.18 -8.23 17.31
N GLY A 489 8.19 -9.10 17.37
CA GLY A 489 7.13 -9.00 18.35
C GLY A 489 5.80 -9.52 17.82
N ASN A 490 4.91 -9.88 18.75
CA ASN A 490 3.59 -10.38 18.40
C ASN A 490 2.64 -9.22 18.16
N ASN A 491 1.35 -9.51 18.03
CA ASN A 491 0.44 -8.45 17.67
C ASN A 491 0.34 -7.42 18.79
N ASP A 492 -0.14 -6.23 18.41
CA ASP A 492 -0.60 -5.13 19.25
C ASP A 492 -0.99 -5.64 20.64
N PRO A 493 -0.30 -5.20 21.70
CA PRO A 493 0.69 -4.11 21.79
C PRO A 493 2.15 -4.43 21.38
N PHE A 494 2.51 -5.70 21.24
CA PHE A 494 3.92 -6.06 21.17
C PHE A 494 4.58 -5.80 19.82
N CYS A 495 3.83 -5.32 18.82
CA CYS A 495 4.39 -4.95 17.53
C CYS A 495 4.85 -3.50 17.49
N ARG A 496 4.76 -2.80 18.60
CA ARG A 496 5.13 -1.40 18.71
C ARG A 496 6.30 -1.21 19.68
N LYS A 497 7.30 -2.09 19.58
CA LYS A 497 8.50 -1.96 20.40
C LYS A 497 9.23 -0.65 20.07
N PRO A 498 9.91 -0.05 21.05
CA PRO A 498 10.77 1.10 20.72
C PRO A 498 11.93 0.70 19.83
N PHE A 499 12.26 1.58 18.89
CA PHE A 499 13.30 1.31 17.92
C PHE A 499 14.65 1.13 18.62
N PRO A 500 15.39 0.07 18.33
CA PRO A 500 16.71 -0.09 18.95
C PRO A 500 17.76 0.73 18.23
N TRP A 501 18.09 1.89 18.79
CA TRP A 501 19.15 2.74 18.22
C TRP A 501 20.55 2.28 18.60
N ASP A 502 20.67 1.40 19.61
CA ASP A 502 21.95 0.77 19.89
C ASP A 502 22.28 -0.20 18.77
N PRO A 503 23.40 -0.03 18.05
CA PRO A 503 23.71 -0.95 16.94
C PRO A 503 23.92 -2.37 17.39
N ALA A 504 24.33 -2.57 18.65
CA ALA A 504 24.51 -3.91 19.17
C ALA A 504 23.20 -4.68 19.21
N LEU A 505 22.08 -3.95 19.20
CA LEU A 505 20.74 -4.53 19.18
C LEU A 505 20.12 -4.56 17.78
N GLN A 506 20.90 -4.28 16.73
CA GLN A 506 20.40 -4.17 15.36
C GLN A 506 20.96 -5.29 14.48
N ASP A 507 20.09 -5.84 13.63
CA ASP A 507 20.51 -6.77 12.57
C ASP A 507 21.13 -5.93 11.46
N GLY A 508 22.46 -5.78 11.51
CA GLY A 508 23.13 -4.93 10.54
C GLY A 508 23.05 -5.46 9.12
N ASP A 509 23.12 -6.78 8.96
CA ASP A 509 23.02 -7.38 7.62
C ASP A 509 21.66 -7.10 7.01
N LEU A 510 20.59 -7.30 7.77
CA LEU A 510 19.24 -7.05 7.25
C LEU A 510 19.08 -5.58 6.87
N LEU A 511 19.67 -4.68 7.64
CA LEU A 511 19.60 -3.26 7.32
C LEU A 511 20.29 -2.94 6.01
N ASP A 512 21.46 -3.56 5.76
CA ASP A 512 22.15 -3.34 4.49
C ASP A 512 21.30 -3.83 3.31
N LEU A 513 20.62 -4.96 3.49
CA LEU A 513 19.76 -5.47 2.42
C LEU A 513 18.67 -4.47 2.08
N TYR A 514 18.04 -3.87 3.09
CA TYR A 514 17.10 -2.79 2.83
C TYR A 514 17.76 -1.65 2.07
N LYS A 515 18.98 -1.27 2.48
CA LYS A 515 19.71 -0.18 1.81
C LYS A 515 19.94 -0.49 0.33
N ARG A 516 20.43 -1.70 0.04
CA ARG A 516 20.69 -2.06 -1.35
C ARG A 516 19.41 -2.09 -2.17
N MET A 517 18.31 -2.60 -1.61
CA MET A 517 17.10 -2.76 -2.41
C MET A 517 16.51 -1.39 -2.75
N SER A 518 16.51 -0.46 -1.81
CA SER A 518 16.01 0.86 -2.15
C SER A 518 16.88 1.51 -3.20
N LYS A 519 18.17 1.21 -3.21
CA LYS A 519 19.04 1.73 -4.26
C LYS A 519 18.68 1.12 -5.61
N LEU A 520 18.54 -0.21 -5.68
CA LEU A 520 18.11 -0.85 -6.92
C LEU A 520 16.82 -0.24 -7.44
N ARG A 521 15.83 -0.06 -6.55
CA ARG A 521 14.55 0.50 -6.98
C ARG A 521 14.70 1.92 -7.49
N LYS A 522 15.50 2.73 -6.78
CA LYS A 522 15.81 4.07 -7.25
C LYS A 522 16.48 4.04 -8.62
N ALA A 523 17.33 3.04 -8.86
CA ALA A 523 18.18 3.05 -10.04
C ALA A 523 17.45 2.60 -11.30
N HIS A 524 16.56 1.61 -11.18
CA HIS A 524 16.05 0.91 -12.34
C HIS A 524 14.57 1.20 -12.57
N GLN A 525 14.27 1.75 -13.74
CA GLN A 525 12.91 2.21 -14.04
C GLN A 525 11.89 1.08 -13.92
N ALA A 526 12.26 -0.15 -14.31
CA ALA A 526 11.26 -1.21 -14.34
C ALA A 526 10.78 -1.59 -12.95
N LEU A 527 11.57 -1.31 -11.91
CA LEU A 527 11.14 -1.55 -10.55
C LEU A 527 10.19 -0.48 -10.02
N ARG A 528 10.01 0.62 -10.75
CA ARG A 528 9.06 1.64 -10.37
C ARG A 528 7.90 1.80 -11.33
N TYR A 529 8.12 1.54 -12.62
CA TYR A 529 7.12 1.74 -13.66
C TYR A 529 6.76 0.48 -14.41
N GLY A 530 7.45 -0.63 -14.18
CA GLY A 530 7.37 -1.75 -15.10
C GLY A 530 6.14 -2.60 -14.92
N GLY A 531 5.70 -3.18 -16.03
CA GLY A 531 4.80 -4.32 -15.97
C GLY A 531 5.44 -5.47 -15.21
N CYS A 532 4.64 -6.50 -14.97
CA CYS A 532 5.11 -7.62 -14.17
C CYS A 532 4.50 -8.90 -14.72
N GLN A 533 5.35 -9.83 -15.13
CA GLN A 533 4.95 -11.13 -15.62
C GLN A 533 5.58 -12.18 -14.74
N VAL A 534 4.75 -12.93 -14.00
CA VAL A 534 5.21 -14.16 -13.39
C VAL A 534 5.59 -15.14 -14.50
N ILE A 535 6.80 -15.70 -14.39
CA ILE A 535 7.35 -16.58 -15.41
C ILE A 535 7.33 -18.04 -14.97
N TYR A 536 7.53 -18.30 -13.68
CA TYR A 536 7.57 -19.62 -13.11
C TYR A 536 6.99 -19.49 -11.71
N ALA A 537 6.09 -20.40 -11.35
CA ALA A 537 5.50 -20.38 -10.02
C ALA A 537 5.09 -21.82 -9.70
N GLU A 538 5.95 -22.53 -8.98
CA GLU A 538 5.72 -23.93 -8.65
C GLU A 538 6.44 -24.27 -7.36
N ASP A 539 5.73 -24.94 -6.46
CA ASP A 539 6.31 -25.47 -5.24
C ASP A 539 6.97 -24.35 -4.44
N ASN A 540 8.29 -24.35 -4.37
CA ASN A 540 9.03 -23.41 -3.55
C ASN A 540 9.49 -22.18 -4.30
N VAL A 541 9.33 -22.14 -5.62
CA VAL A 541 10.03 -21.16 -6.45
C VAL A 541 9.02 -20.25 -7.15
N VAL A 542 9.21 -18.95 -7.02
CA VAL A 542 8.54 -17.95 -7.83
C VAL A 542 9.60 -17.25 -8.64
N VAL A 543 9.32 -17.00 -9.93
CA VAL A 543 10.18 -16.20 -10.78
C VAL A 543 9.32 -15.23 -11.57
N PHE A 544 9.56 -13.94 -11.43
CA PHE A 544 8.86 -12.94 -12.23
C PHE A 544 9.86 -11.92 -12.76
N VAL A 545 9.41 -11.15 -13.74
CA VAL A 545 10.22 -10.15 -14.41
C VAL A 545 9.45 -8.84 -14.48
N ARG A 546 10.08 -7.76 -14.02
CA ARG A 546 9.57 -6.42 -14.31
C ARG A 546 10.05 -6.02 -15.70
N VAL A 547 9.19 -5.31 -16.43
CA VAL A 547 9.36 -5.07 -17.85
C VAL A 547 9.06 -3.60 -18.12
N TYR A 548 10.06 -2.87 -18.63
CA TYR A 548 9.86 -1.47 -18.99
C TYR A 548 10.73 -1.14 -20.19
N LYS A 549 10.08 -0.80 -21.31
CA LYS A 549 10.75 -0.55 -22.58
C LYS A 549 11.69 -1.69 -22.91
N GLN A 550 12.99 -1.39 -23.03
CA GLN A 550 14.01 -2.40 -23.31
C GLN A 550 14.58 -3.07 -22.06
N GLN A 551 14.26 -2.55 -20.87
CA GLN A 551 14.85 -3.02 -19.63
C GLN A 551 14.04 -4.14 -19.01
N ARG A 552 14.73 -5.03 -18.30
CA ARG A 552 14.13 -6.16 -17.62
C ARG A 552 14.78 -6.33 -16.26
N VAL A 553 13.98 -6.66 -15.25
CA VAL A 553 14.51 -7.01 -13.94
C VAL A 553 13.90 -8.35 -13.57
N LEU A 554 14.75 -9.37 -13.44
CA LEU A 554 14.32 -10.73 -13.16
C LEU A 554 14.50 -11.02 -11.68
N VAL A 555 13.48 -11.61 -11.05
CA VAL A 555 13.49 -11.92 -9.62
C VAL A 555 13.15 -13.39 -9.45
N ALA A 556 13.96 -14.09 -8.65
CA ALA A 556 13.78 -15.52 -8.40
C ALA A 556 13.84 -15.74 -6.91
N ILE A 557 12.72 -16.15 -6.32
CA ILE A 557 12.59 -16.36 -4.89
C ILE A 557 12.43 -17.85 -4.65
N ASN A 558 13.26 -18.40 -3.77
CA ASN A 558 13.21 -19.80 -3.42
C ASN A 558 13.11 -19.90 -1.90
N ARG A 559 11.97 -20.36 -1.40
CA ARG A 559 11.73 -20.49 0.04
C ARG A 559 12.24 -21.80 0.62
N GLY A 560 12.66 -22.73 -0.24
CA GLY A 560 13.04 -24.04 0.23
C GLY A 560 14.45 -24.48 -0.13
N GLU A 561 14.64 -25.79 -0.26
CA GLU A 561 15.96 -26.36 -0.47
C GLU A 561 16.56 -25.90 -1.80
N ALA A 562 17.89 -26.01 -1.92
CA ALA A 562 18.55 -25.67 -3.17
C ALA A 562 17.97 -26.49 -4.31
N CYS A 563 17.77 -25.84 -5.45
CA CYS A 563 17.22 -26.54 -6.60
C CYS A 563 17.61 -25.79 -7.85
N GLU A 564 17.38 -26.43 -8.99
CA GLU A 564 17.54 -25.82 -10.30
C GLU A 564 16.19 -25.72 -10.99
N VAL A 565 15.98 -24.63 -11.71
CA VAL A 565 14.71 -24.37 -12.37
C VAL A 565 15.01 -23.98 -13.81
N VAL A 566 14.51 -24.77 -14.76
CA VAL A 566 14.66 -24.46 -16.17
C VAL A 566 13.63 -23.41 -16.55
N ILE A 567 14.10 -22.31 -17.12
CA ILE A 567 13.23 -21.28 -17.64
C ILE A 567 13.16 -21.50 -19.15
N GLU A 568 12.00 -21.95 -19.61
CA GLU A 568 11.81 -22.09 -21.05
C GLU A 568 12.00 -20.75 -21.72
N ASP A 569 12.51 -20.79 -22.94
CA ASP A 569 12.79 -19.55 -23.64
C ASP A 569 11.54 -18.69 -23.68
N SER A 570 11.56 -17.63 -22.88
CA SER A 570 10.55 -16.59 -22.83
C SER A 570 11.03 -15.43 -23.66
N PRO A 571 10.21 -14.93 -24.60
CA PRO A 571 10.60 -13.75 -25.36
C PRO A 571 10.78 -12.52 -24.49
N LEU A 572 10.19 -12.53 -23.29
CA LEU A 572 10.43 -11.43 -22.35
C LEU A 572 11.87 -11.40 -21.85
N LEU A 573 12.56 -12.54 -21.88
CA LEU A 573 13.92 -12.65 -21.38
C LEU A 573 14.96 -12.65 -22.49
N ASP A 574 14.57 -12.31 -23.71
CA ASP A 574 15.49 -12.29 -24.85
C ASP A 574 16.23 -10.96 -24.81
N VAL A 575 17.40 -10.97 -24.15
CA VAL A 575 18.18 -9.78 -23.89
C VAL A 575 19.65 -10.03 -24.26
N ASN A 576 20.45 -8.97 -24.24
CA ASN A 576 21.88 -9.13 -24.48
C ASN A 576 22.53 -10.03 -23.43
N GLY A 577 22.13 -9.85 -22.17
CA GLY A 577 22.71 -10.61 -21.07
C GLY A 577 22.16 -10.07 -19.77
N TRP A 578 22.53 -10.73 -18.68
CA TRP A 578 22.02 -10.40 -17.37
C TRP A 578 23.16 -10.06 -16.41
N GLN A 579 22.92 -9.10 -15.53
CA GLN A 579 23.86 -8.73 -14.48
C GLN A 579 23.20 -9.00 -13.14
N LEU A 580 23.80 -9.91 -12.37
CA LEU A 580 23.26 -10.23 -11.05
C LEU A 580 23.51 -9.07 -10.10
N LYS A 581 22.45 -8.58 -9.45
CA LYS A 581 22.56 -7.42 -8.56
C LYS A 581 22.42 -7.74 -7.08
N GLU A 582 21.89 -8.91 -6.73
CA GLU A 582 21.56 -9.23 -5.35
C GLU A 582 21.26 -10.71 -5.29
N GLY A 583 21.63 -11.36 -4.18
CA GLY A 583 21.43 -12.78 -4.01
C GLY A 583 22.50 -13.60 -4.70
N ALA A 584 22.52 -14.89 -4.36
CA ALA A 584 23.53 -15.82 -4.87
C ALA A 584 22.98 -16.82 -5.89
N GLY A 585 21.80 -16.55 -6.46
CA GLY A 585 21.35 -17.34 -7.57
C GLY A 585 22.22 -17.16 -8.79
N ALA A 586 22.09 -18.09 -9.73
CA ALA A 586 22.88 -18.05 -10.96
C ALA A 586 22.04 -18.47 -12.14
N LEU A 587 21.95 -17.60 -13.15
CA LEU A 587 21.28 -17.89 -14.40
C LEU A 587 22.34 -18.20 -15.46
N HIS A 588 22.16 -19.31 -16.17
CA HIS A 588 23.06 -19.62 -17.29
C HIS A 588 22.31 -20.52 -18.25
N ASP A 589 22.11 -20.04 -19.49
CA ASP A 589 21.51 -20.85 -20.54
C ASP A 589 20.10 -21.30 -20.16
N GLY A 590 19.31 -20.36 -19.64
CA GLY A 590 17.95 -20.64 -19.26
C GLY A 590 17.79 -21.53 -18.05
N VAL A 591 18.85 -21.78 -17.29
CA VAL A 591 18.80 -22.60 -16.09
C VAL A 591 19.14 -21.74 -14.89
N LEU A 592 18.21 -21.65 -13.94
CA LEU A 592 18.42 -20.95 -12.68
C LEU A 592 18.94 -21.93 -11.63
N THR A 593 20.16 -21.68 -11.16
CA THR A 593 20.70 -22.41 -10.02
C THR A 593 20.44 -21.55 -8.78
N LEU A 594 19.51 -21.99 -7.94
CA LEU A 594 19.01 -21.20 -6.82
C LEU A 594 19.41 -21.87 -5.52
N PRO A 595 20.20 -21.22 -4.67
CA PRO A 595 20.53 -21.82 -3.38
C PRO A 595 19.31 -21.85 -2.48
N ALA A 596 19.40 -22.70 -1.45
CA ALA A 596 18.36 -22.82 -0.45
C ALA A 596 18.04 -21.46 0.16
N ILE A 597 16.74 -21.18 0.27
CA ILE A 597 16.18 -20.01 0.96
C ILE A 597 16.86 -18.73 0.48
N SER A 598 16.63 -18.37 -0.78
CA SER A 598 17.32 -17.23 -1.39
C SER A 598 16.35 -16.40 -2.20
N ALA A 599 16.76 -15.18 -2.49
CA ALA A 599 16.06 -14.29 -3.41
C ALA A 599 17.14 -13.60 -4.23
N SER A 600 16.97 -13.58 -5.55
CA SER A 600 17.96 -13.01 -6.44
C SER A 600 17.31 -12.03 -7.40
N VAL A 601 18.07 -11.02 -7.80
CA VAL A 601 17.62 -9.97 -8.71
C VAL A 601 18.67 -9.79 -9.79
N TRP A 602 18.22 -9.72 -11.04
CA TRP A 602 19.07 -9.50 -12.21
C TRP A 602 18.58 -8.28 -12.99
N PHE A 603 19.53 -7.50 -13.52
CA PHE A 603 19.25 -6.43 -14.46
C PHE A 603 19.68 -6.89 -15.86
N SER A 604 18.90 -6.53 -16.87
CA SER A 604 19.30 -6.83 -18.24
C SER A 604 20.34 -5.82 -18.72
N ARG A 605 21.38 -6.32 -19.40
CA ARG A 605 22.52 -5.51 -19.89
C ARG A 605 22.47 -5.37 -21.41
C1 GAL B . -8.91 -4.89 11.25
C2 GAL B . -9.78 -3.68 10.90
C3 GAL B . -9.09 -2.36 11.15
C4 GAL B . -7.97 -2.38 12.19
C5 GAL B . -7.64 -3.72 12.91
C6 GAL B . -7.28 -3.58 14.34
O1 GAL B . -9.59 -6.11 10.96
O2 GAL B . -10.16 -3.81 9.53
O3 GAL B . -10.08 -1.31 11.32
O4 GAL B . -7.66 -1.20 13.01
O5 GAL B . -8.62 -4.83 12.69
O6 GAL B . -8.26 -4.14 15.14
C1 GLC B . -8.53 -0.37 13.72
C2 GLC B . -7.72 0.89 13.94
C3 GLC B . -8.16 1.79 15.03
C4 GLC B . -8.56 1.08 16.27
C5 GLC B . -9.42 -0.15 16.03
C6 GLC B . -10.87 0.17 15.63
O2 GLC B . -6.30 0.54 14.22
O3 GLC B . -9.24 2.64 14.52
O4 GLC B . -7.33 0.62 17.00
O5 GLC B . -8.86 -1.05 15.00
O6 GLC B . -11.55 -1.08 15.43
O5 A1EAX B . -7.47 1.85 19.07
C2 A1EAX B . -5.31 1.07 18.24
C3 A1EAX B . -5.35 -0.17 19.08
C2H A1EAX B . -4.36 -0.56 22.98
C7H A1EAX B . -6.83 -3.34 25.21
C5H A1EAX B . -6.07 -2.69 24.03
C6H A1EAX B . -6.72 -1.32 23.46
C1H A1EAX B . -6.00 -0.52 22.52
C4 A1EAX B . -6.58 -0.42 19.94
C5 A1EAX B . -7.78 0.60 19.82
C6 A1EAX B . -8.54 0.99 21.05
C1 A1EAX B . -6.70 1.59 17.84
C3H A1EAX B . -3.90 -1.78 22.82
C4H A1EAX B . -4.63 -2.82 23.99
N4 A1EAX B . -6.20 -1.16 21.24
O7H A1EAX B . -6.39 -4.69 25.41
O2 A1EAX B . -4.63 0.73 17.04
O3 A1EAX B . -4.10 -0.32 19.81
O2H A1EAX B . -3.64 0.41 22.20
O3H A1EAX B . -2.47 -1.88 22.98
O4H A1EAX B . -4.25 -4.12 23.69
#